data_3UF0
#
_entry.id   3UF0
#
_cell.length_a   115.470
_cell.length_b   115.470
_cell.length_c   76.182
_cell.angle_alpha   90.00
_cell.angle_beta   90.00
_cell.angle_gamma   90.00
#
_symmetry.space_group_name_H-M   'P 43 21 2'
#
loop_
_entity.id
_entity.type
_entity.pdbx_description
1 polymer 'Short-chain dehydrogenase/reductase SDR'
2 non-polymer 'NADP NICOTINAMIDE-ADENINE-DINUCLEOTIDE PHOSPHATE'
3 water water
#
_entity_poly.entity_id   1
_entity_poly.type   'polypeptide(L)'
_entity_poly.pdbx_seq_one_letter_code
;MHHHHHHSSGVDLGTENLYFQSMTGPFSLAGRTAVVTGAGSGIGRAIAHGYARAGAHVLAWGRTDGVKEVADEIADGGGS
AEAVVADLADLEGAANVAEELAATRRVDVLVNNAGIIARAPAEEVSLGRWREVLTVNLDAAWVLSRSFGTAMLAHGSGRI
VTIASMLSFQGGRNVAAYAASKHAVVGLTRALASEWAGRGVGVNALAPGYVVTANTAALRADDERAAEITARIPAGRWAT
PEDMVGPAVFLASDAASYVHGQVLAVDGGWLAS
;
_entity_poly.pdbx_strand_id   A,B
#
loop_
_chem_comp.id
_chem_comp.type
_chem_comp.name
_chem_comp.formula
NAP non-polymer 'NADP NICOTINAMIDE-ADENINE-DINUCLEOTIDE PHOSPHATE' 'C21 H28 N7 O17 P3'
#
# COMPACT_ATOMS: atom_id res chain seq x y z
N GLY A 25 0.33 35.06 7.37
CA GLY A 25 -1.01 34.51 7.53
C GLY A 25 -1.01 33.03 7.89
N PRO A 26 -1.96 32.60 8.72
CA PRO A 26 -2.00 31.19 9.12
C PRO A 26 -2.18 30.27 7.91
N PHE A 27 -2.89 30.74 6.90
CA PHE A 27 -3.16 29.90 5.74
C PHE A 27 -2.36 30.35 4.52
N SER A 28 -1.43 31.27 4.72
CA SER A 28 -0.61 31.77 3.62
C SER A 28 0.54 30.81 3.27
N LEU A 29 0.90 30.76 2.00
CA LEU A 29 2.12 30.09 1.58
C LEU A 29 3.15 31.11 1.12
N ALA A 30 2.95 32.35 1.53
CA ALA A 30 3.86 33.42 1.13
C ALA A 30 5.28 33.03 1.52
N GLY A 31 6.22 33.22 0.61
CA GLY A 31 7.62 32.93 0.88
C GLY A 31 8.03 31.47 0.75
N ARG A 32 7.09 30.60 0.38
CA ARG A 32 7.42 29.19 0.22
C ARG A 32 7.69 28.82 -1.23
N THR A 33 8.48 27.77 -1.43
CA THR A 33 8.66 27.18 -2.74
C THR A 33 8.04 25.79 -2.74
N ALA A 34 7.18 25.53 -3.72
CA ALA A 34 6.47 24.27 -3.76
C ALA A 34 6.65 23.56 -5.08
N VAL A 35 6.91 22.25 -5.02
CA VAL A 35 6.94 21.40 -6.20
C VAL A 35 5.61 20.63 -6.26
N VAL A 36 4.92 20.72 -7.38
CA VAL A 36 3.66 19.98 -7.56
C VAL A 36 3.80 19.07 -8.77
N THR A 37 3.72 17.75 -8.58
CA THR A 37 3.82 16.82 -9.71
C THR A 37 2.46 16.62 -10.39
N GLY A 38 2.47 16.11 -11.62
CA GLY A 38 1.25 15.99 -12.40
C GLY A 38 0.53 17.33 -12.54
N ALA A 39 1.29 18.40 -12.65
CA ALA A 39 0.74 19.77 -12.62
C ALA A 39 0.19 20.21 -13.96
N GLY A 40 0.28 19.35 -14.96
CA GLY A 40 -0.15 19.70 -16.31
C GLY A 40 -1.65 19.75 -16.51
N SER A 41 -2.41 19.08 -15.67
CA SER A 41 -3.87 19.07 -15.83
C SER A 41 -4.57 18.68 -14.53
N GLY A 42 -5.90 18.68 -14.56
CA GLY A 42 -6.71 18.17 -13.45
C GLY A 42 -6.40 18.72 -12.07
N ILE A 43 -6.24 17.81 -11.11
CA ILE A 43 -6.03 18.20 -9.73
C ILE A 43 -4.68 18.91 -9.51
N GLY A 44 -3.62 18.34 -10.06
CA GLY A 44 -2.31 18.98 -9.98
C GLY A 44 -2.30 20.40 -10.52
N ARG A 45 -2.88 20.60 -11.69
CA ARG A 45 -2.95 21.95 -12.27
C ARG A 45 -3.66 22.94 -11.33
N ALA A 46 -4.78 22.51 -10.77
CA ALA A 46 -5.55 23.37 -9.87
C ALA A 46 -4.76 23.70 -8.61
N ILE A 47 -4.10 22.69 -8.05
CA ILE A 47 -3.24 22.91 -6.87
C ILE A 47 -2.08 23.86 -7.19
N ALA A 48 -1.45 23.65 -8.34
CA ALA A 48 -0.39 24.56 -8.76
C ALA A 48 -0.89 26.00 -8.72
N HIS A 49 -2.03 26.23 -9.35
CA HIS A 49 -2.61 27.57 -9.40
C HIS A 49 -2.95 28.10 -8.01
N GLY A 50 -3.60 27.26 -7.21
CA GLY A 50 -4.02 27.68 -5.88
C GLY A 50 -2.83 28.01 -4.98
N TYR A 51 -1.80 27.17 -5.05
CA TYR A 51 -0.58 27.44 -4.30
C TYR A 51 0.00 28.79 -4.73
N ALA A 52 0.00 29.07 -6.02
CA ALA A 52 0.52 30.36 -6.51
C ALA A 52 -0.30 31.51 -5.93
N ARG A 53 -1.62 31.35 -5.94
CA ARG A 53 -2.48 32.41 -5.41
C ARG A 53 -2.22 32.62 -3.91
N ALA A 54 -1.81 31.57 -3.21
CA ALA A 54 -1.58 31.66 -1.77
C ALA A 54 -0.18 32.19 -1.47
N GLY A 55 0.56 32.52 -2.54
CA GLY A 55 1.84 33.18 -2.43
C GLY A 55 3.06 32.31 -2.66
N ALA A 56 2.87 31.04 -3.00
CA ALA A 56 4.01 30.15 -3.23
C ALA A 56 4.64 30.38 -4.59
N HIS A 57 5.96 30.18 -4.66
CA HIS A 57 6.61 30.01 -5.94
C HIS A 57 6.43 28.55 -6.33
N VAL A 58 5.85 28.31 -7.49
CA VAL A 58 5.49 26.93 -7.84
C VAL A 58 6.37 26.31 -8.92
N LEU A 59 6.92 25.14 -8.62
CA LEU A 59 7.61 24.33 -9.63
C LEU A 59 6.62 23.30 -10.14
N ALA A 60 6.06 23.57 -11.31
CA ALA A 60 5.05 22.69 -11.89
C ALA A 60 5.73 21.55 -12.62
N TRP A 61 5.64 20.36 -12.01
CA TRP A 61 6.33 19.20 -12.56
C TRP A 61 5.35 18.33 -13.36
N GLY A 62 5.70 18.04 -14.61
CA GLY A 62 4.85 17.26 -15.49
C GLY A 62 5.64 16.32 -16.37
N ARG A 63 4.94 15.47 -17.12
CA ARG A 63 5.60 14.48 -17.96
C ARG A 63 5.93 15.04 -19.33
N THR A 64 5.20 16.08 -19.73
CA THR A 64 5.32 16.67 -21.06
C THR A 64 5.41 18.18 -20.98
N ASP A 65 5.68 18.82 -22.12
CA ASP A 65 5.83 20.27 -22.18
C ASP A 65 4.54 21.01 -21.88
N GLY A 66 3.43 20.28 -21.79
CA GLY A 66 2.16 20.89 -21.48
C GLY A 66 2.22 21.71 -20.21
N VAL A 67 3.12 21.33 -19.32
CA VAL A 67 3.22 21.94 -18.00
C VAL A 67 3.87 23.33 -18.06
N LYS A 68 4.56 23.62 -19.16
CA LYS A 68 5.09 24.96 -19.38
C LYS A 68 3.94 25.95 -19.55
N GLU A 69 2.85 25.47 -20.14
CA GLU A 69 1.65 26.30 -20.28
C GLU A 69 1.14 26.69 -18.91
N VAL A 70 1.16 25.73 -17.99
CA VAL A 70 0.63 26.00 -16.65
C VAL A 70 1.48 27.06 -15.97
N ALA A 71 2.79 26.93 -16.08
CA ALA A 71 3.68 27.90 -15.48
C ALA A 71 3.42 29.28 -16.10
N ASP A 72 3.17 29.30 -17.41
CA ASP A 72 2.84 30.54 -18.11
C ASP A 72 1.52 31.15 -17.65
N GLU A 73 0.48 30.31 -17.52
CA GLU A 73 -0.79 30.74 -16.95
C GLU A 73 -0.56 31.44 -15.62
N ILE A 74 0.15 30.77 -14.73
CA ILE A 74 0.39 31.29 -13.39
C ILE A 74 1.12 32.62 -13.52
N ALA A 75 2.12 32.64 -14.40
CA ALA A 75 2.88 33.85 -14.67
C ALA A 75 1.99 35.05 -14.97
N ASP A 76 1.33 35.05 -16.13
CA ASP A 76 0.55 36.22 -16.51
C ASP A 76 -0.75 36.33 -15.72
N GLY A 77 -0.86 35.52 -14.68
CA GLY A 77 -1.93 35.65 -13.71
C GLY A 77 -1.45 36.44 -12.50
N GLY A 78 -0.15 36.75 -12.51
CA GLY A 78 0.47 37.54 -11.46
C GLY A 78 1.26 36.72 -10.46
N GLY A 79 1.43 35.43 -10.75
CA GLY A 79 2.09 34.55 -9.80
C GLY A 79 3.53 34.25 -10.16
N SER A 80 4.14 33.34 -9.41
CA SER A 80 5.51 32.95 -9.66
C SER A 80 5.57 31.44 -9.90
N ALA A 81 6.15 31.03 -11.03
CA ALA A 81 6.20 29.61 -11.38
C ALA A 81 7.25 29.26 -12.43
N GLU A 82 7.75 28.03 -12.38
CA GLU A 82 8.64 27.48 -13.39
C GLU A 82 8.10 26.11 -13.74
N ALA A 83 8.55 25.55 -14.86
CA ALA A 83 8.14 24.21 -15.24
C ALA A 83 9.30 23.23 -15.10
N VAL A 84 8.97 22.00 -14.71
CA VAL A 84 9.92 20.90 -14.65
C VAL A 84 9.32 19.76 -15.48
N VAL A 85 10.04 19.31 -16.50
CA VAL A 85 9.54 18.23 -17.34
C VAL A 85 10.35 16.96 -17.10
N ALA A 86 9.72 15.94 -16.54
CA ALA A 86 10.41 14.69 -16.21
C ALA A 86 9.41 13.57 -15.97
N ASP A 87 9.53 12.51 -16.75
CA ASP A 87 8.65 11.34 -16.69
C ASP A 87 8.87 10.52 -15.42
N LEU A 88 7.86 10.49 -14.55
CA LEU A 88 8.00 9.80 -13.27
C LEU A 88 8.10 8.28 -13.44
N ALA A 89 7.83 7.77 -14.64
CA ALA A 89 7.96 6.34 -14.86
C ALA A 89 9.43 5.94 -14.90
N ASP A 90 10.31 6.93 -15.10
CA ASP A 90 11.75 6.69 -15.12
C ASP A 90 12.34 7.07 -13.77
N LEU A 91 12.39 6.11 -12.85
CA LEU A 91 12.70 6.43 -11.46
C LEU A 91 14.13 6.92 -11.27
N GLU A 92 15.08 6.34 -12.01
CA GLU A 92 16.46 6.78 -11.89
C GLU A 92 16.55 8.24 -12.35
N GLY A 93 15.81 8.56 -13.40
CA GLY A 93 15.81 9.91 -13.93
C GLY A 93 15.10 10.86 -12.97
N ALA A 94 13.97 10.40 -12.43
CA ALA A 94 13.22 11.21 -11.48
C ALA A 94 14.07 11.54 -10.25
N ALA A 95 14.79 10.54 -9.74
CA ALA A 95 15.66 10.75 -8.59
C ALA A 95 16.71 11.82 -8.88
N ASN A 96 17.34 11.75 -10.05
CA ASN A 96 18.37 12.72 -10.39
C ASN A 96 17.84 14.15 -10.40
N VAL A 97 16.67 14.32 -11.01
CA VAL A 97 16.03 15.63 -11.13
C VAL A 97 15.61 16.14 -9.76
N ALA A 98 14.91 15.31 -8.99
CA ALA A 98 14.47 15.71 -7.65
C ALA A 98 15.67 16.09 -6.77
N GLU A 99 16.73 15.28 -6.81
CA GLU A 99 17.91 15.53 -6.00
C GLU A 99 18.57 16.85 -6.38
N GLU A 100 18.67 17.11 -7.68
CA GLU A 100 19.29 18.35 -8.10
C GLU A 100 18.44 19.57 -7.72
N LEU A 101 17.13 19.46 -7.88
CA LEU A 101 16.23 20.54 -7.48
C LEU A 101 16.34 20.75 -5.97
N ALA A 102 16.38 19.64 -5.23
CA ALA A 102 16.44 19.75 -3.77
C ALA A 102 17.75 20.40 -3.31
N ALA A 103 18.82 20.17 -4.07
CA ALA A 103 20.13 20.71 -3.68
C ALA A 103 20.37 22.16 -4.10
N THR A 104 19.65 22.64 -5.11
CA THR A 104 19.91 23.97 -5.68
C THR A 104 18.82 24.98 -5.31
N ARG A 105 17.81 24.51 -4.60
N ARG A 105 17.80 24.52 -4.60
CA ARG A 105 16.71 25.34 -4.13
CA ARG A 105 16.69 25.38 -4.18
C ARG A 105 16.41 25.04 -2.67
C ARG A 105 16.13 24.88 -2.87
N ARG A 106 15.52 25.83 -2.09
N ARG A 106 15.75 25.80 -1.99
CA ARG A 106 14.94 25.51 -0.80
CA ARG A 106 15.01 25.42 -0.80
C ARG A 106 13.48 25.15 -1.06
C ARG A 106 13.57 25.13 -1.24
N VAL A 107 13.20 23.86 -1.22
CA VAL A 107 11.85 23.43 -1.53
C VAL A 107 11.13 23.16 -0.20
N ASP A 108 10.14 23.98 0.09
CA ASP A 108 9.41 23.91 1.36
C ASP A 108 8.26 22.89 1.34
N VAL A 109 7.69 22.69 0.15
CA VAL A 109 6.49 21.85 0.03
C VAL A 109 6.62 20.96 -1.19
N LEU A 110 6.26 19.70 -1.02
CA LEU A 110 6.15 18.76 -2.13
C LEU A 110 4.72 18.22 -2.17
N VAL A 111 4.11 18.26 -3.34
CA VAL A 111 2.80 17.62 -3.53
C VAL A 111 2.93 16.48 -4.52
N ASN A 112 2.79 15.25 -4.02
CA ASN A 112 2.88 14.07 -4.85
C ASN A 112 1.53 13.82 -5.49
N ASN A 113 1.31 14.35 -6.68
CA ASN A 113 -0.01 14.24 -7.29
C ASN A 113 -0.06 13.35 -8.53
N ALA A 114 1.05 13.29 -9.27
CA ALA A 114 1.10 12.43 -10.42
C ALA A 114 0.57 11.04 -10.06
N GLY A 115 -0.37 10.55 -10.85
CA GLY A 115 -0.89 9.21 -10.65
C GLY A 115 -1.56 8.76 -11.94
N ILE A 116 -1.62 7.44 -12.11
CA ILE A 116 -2.34 6.86 -13.24
C ILE A 116 -3.26 5.78 -12.70
N ILE A 117 -4.26 5.40 -13.49
CA ILE A 117 -5.18 4.34 -13.09
C ILE A 117 -5.45 3.45 -14.29
N ALA A 118 -5.50 2.15 -14.06
CA ALA A 118 -5.79 1.20 -15.12
C ALA A 118 -7.00 0.35 -14.76
N ARG A 119 -8.04 0.39 -15.58
CA ARG A 119 -9.26 -0.34 -15.25
C ARG A 119 -9.31 -1.67 -15.99
N ALA A 120 -9.42 -2.75 -15.23
CA ALA A 120 -9.50 -4.10 -15.80
C ALA A 120 -9.67 -5.14 -14.69
N PRO A 121 -10.51 -6.16 -14.94
CA PRO A 121 -10.69 -7.21 -13.93
C PRO A 121 -9.33 -7.77 -13.51
N ALA A 122 -9.14 -8.04 -12.23
CA ALA A 122 -7.82 -8.45 -11.73
C ALA A 122 -7.25 -9.69 -12.45
N GLU A 123 -8.12 -10.58 -12.91
CA GLU A 123 -7.69 -11.79 -13.63
C GLU A 123 -6.99 -11.45 -14.94
N GLU A 124 -7.26 -10.26 -15.45
CA GLU A 124 -6.74 -9.88 -16.76
C GLU A 124 -5.51 -8.98 -16.64
N VAL A 125 -5.09 -8.68 -15.42
CA VAL A 125 -3.98 -7.75 -15.21
C VAL A 125 -2.61 -8.40 -15.39
N SER A 126 -1.87 -7.96 -16.41
CA SER A 126 -0.53 -8.46 -16.65
C SER A 126 0.43 -7.88 -15.61
N LEU A 127 1.53 -8.58 -15.34
CA LEU A 127 2.51 -8.08 -14.37
C LEU A 127 3.07 -6.73 -14.79
N GLY A 128 3.28 -6.55 -16.08
CA GLY A 128 3.77 -5.28 -16.59
C GLY A 128 2.80 -4.15 -16.26
N ARG A 129 1.50 -4.41 -16.43
CA ARG A 129 0.52 -3.36 -16.17
C ARG A 129 0.41 -3.08 -14.67
N TRP A 130 0.49 -4.13 -13.86
CA TRP A 130 0.55 -4.00 -12.39
C TRP A 130 1.74 -3.09 -12.01
N ARG A 131 2.92 -3.46 -12.51
CA ARG A 131 4.14 -2.69 -12.24
C ARG A 131 4.04 -1.23 -12.72
N GLU A 132 3.47 -1.00 -13.89
CA GLU A 132 3.38 0.36 -14.40
C GLU A 132 2.62 1.23 -13.41
N VAL A 133 1.53 0.71 -12.86
CA VAL A 133 0.75 1.48 -11.90
C VAL A 133 1.50 1.75 -10.60
N LEU A 134 2.12 0.72 -10.06
CA LEU A 134 2.85 0.88 -8.81
C LEU A 134 4.04 1.83 -8.99
N THR A 135 4.69 1.76 -10.15
CA THR A 135 5.89 2.57 -10.38
C THR A 135 5.56 4.05 -10.26
N VAL A 136 4.50 4.50 -10.92
CA VAL A 136 4.14 5.91 -10.89
C VAL A 136 3.43 6.31 -9.59
N ASN A 137 2.48 5.50 -9.16
CA ASN A 137 1.66 5.86 -8.00
C ASN A 137 2.38 5.72 -6.67
N LEU A 138 3.28 4.75 -6.59
CA LEU A 138 3.96 4.48 -5.32
C LEU A 138 5.45 4.81 -5.39
N ASP A 139 6.17 4.10 -6.25
CA ASP A 139 7.62 4.24 -6.26
C ASP A 139 8.06 5.67 -6.52
N ALA A 140 7.38 6.36 -7.45
CA ALA A 140 7.79 7.72 -7.79
C ALA A 140 7.54 8.67 -6.62
N ALA A 141 6.41 8.50 -5.95
CA ALA A 141 6.10 9.28 -4.76
C ALA A 141 7.18 9.06 -3.69
N TRP A 142 7.63 7.80 -3.55
CA TRP A 142 8.71 7.49 -2.62
C TRP A 142 9.99 8.24 -3.00
N VAL A 143 10.41 8.11 -4.26
CA VAL A 143 11.68 8.71 -4.69
C VAL A 143 11.69 10.22 -4.44
N LEU A 144 10.61 10.89 -4.85
CA LEU A 144 10.50 12.33 -4.62
C LEU A 144 10.42 12.69 -3.13
N SER A 145 9.60 11.96 -2.38
CA SER A 145 9.50 12.21 -0.95
C SER A 145 10.87 12.06 -0.30
N ARG A 146 11.59 11.00 -0.65
CA ARG A 146 12.92 10.81 -0.06
C ARG A 146 13.84 11.98 -0.42
N SER A 147 13.83 12.37 -1.70
CA SER A 147 14.73 13.40 -2.20
C SER A 147 14.47 14.78 -1.58
N PHE A 148 13.24 15.26 -1.71
CA PHE A 148 12.90 16.57 -1.15
C PHE A 148 12.87 16.51 0.38
N GLY A 149 12.37 15.40 0.92
CA GLY A 149 12.28 15.22 2.37
C GLY A 149 13.62 15.28 3.07
N THR A 150 14.63 14.63 2.49
CA THR A 150 15.98 14.69 3.05
C THR A 150 16.47 16.12 3.17
N ALA A 151 16.21 16.94 2.15
CA ALA A 151 16.62 18.34 2.22
C ALA A 151 15.78 19.10 3.25
N MET A 152 14.50 18.77 3.35
CA MET A 152 13.64 19.42 4.34
C MET A 152 14.15 19.16 5.75
N LEU A 153 14.58 17.93 6.00
CA LEU A 153 15.16 17.57 7.29
C LEU A 153 16.37 18.44 7.59
N ALA A 154 17.21 18.66 6.58
CA ALA A 154 18.41 19.50 6.76
C ALA A 154 18.06 20.97 7.01
N HIS A 155 16.96 21.44 6.41
CA HIS A 155 16.54 22.82 6.57
C HIS A 155 15.72 23.01 7.83
N GLY A 156 15.32 21.90 8.44
CA GLY A 156 14.60 21.89 9.70
C GLY A 156 13.09 22.13 9.54
N SER A 157 12.62 22.11 8.30
CA SER A 157 11.24 22.46 8.04
C SER A 157 10.78 21.96 6.66
N GLY A 158 9.51 21.58 6.56
CA GLY A 158 8.95 21.18 5.29
C GLY A 158 7.59 20.51 5.42
N ARG A 159 6.89 20.38 4.29
CA ARG A 159 5.60 19.71 4.23
C ARG A 159 5.55 18.83 3.00
N ILE A 160 5.00 17.64 3.17
CA ILE A 160 4.79 16.74 2.05
C ILE A 160 3.32 16.34 2.05
N VAL A 161 2.68 16.54 0.92
CA VAL A 161 1.27 16.20 0.79
C VAL A 161 1.15 15.24 -0.37
N THR A 162 0.67 14.03 -0.10
CA THR A 162 0.47 13.06 -1.18
C THR A 162 -1.01 12.93 -1.55
N ILE A 163 -1.30 12.88 -2.85
CA ILE A 163 -2.68 12.68 -3.27
C ILE A 163 -3.02 11.18 -3.20
N ALA A 164 -3.87 10.82 -2.25
CA ALA A 164 -4.33 9.44 -2.10
C ALA A 164 -5.63 9.24 -2.90
N SER A 165 -6.60 8.53 -2.33
CA SER A 165 -7.83 8.17 -3.06
C SER A 165 -8.84 7.49 -2.14
N MET A 166 -10.09 7.43 -2.59
CA MET A 166 -11.08 6.59 -1.92
C MET A 166 -10.54 5.17 -1.87
N LEU A 167 -9.78 4.81 -2.91
CA LEU A 167 -9.25 3.46 -3.01
C LEU A 167 -7.99 3.29 -2.15
N SER A 168 -7.72 4.28 -1.28
CA SER A 168 -6.80 4.08 -0.14
C SER A 168 -7.50 3.38 1.05
N PHE A 169 -8.83 3.24 0.96
CA PHE A 169 -9.64 2.74 2.08
C PHE A 169 -10.60 1.62 1.68
N GLN A 170 -10.86 1.50 0.38
CA GLN A 170 -11.83 0.51 -0.14
C GLN A 170 -11.22 -0.17 -1.37
N GLY A 171 -11.87 -1.22 -1.86
CA GLY A 171 -11.30 -2.00 -2.94
C GLY A 171 -11.74 -1.54 -4.33
N GLY A 172 -12.93 -0.96 -4.42
CA GLY A 172 -13.45 -0.55 -5.71
C GLY A 172 -13.62 -1.72 -6.68
N ARG A 173 -13.70 -1.43 -7.96
CA ARG A 173 -13.88 -2.49 -8.95
C ARG A 173 -12.95 -2.33 -10.16
N ASN A 174 -12.26 -3.42 -10.49
CA ASN A 174 -11.37 -3.47 -11.66
C ASN A 174 -10.19 -2.53 -11.54
N VAL A 175 -9.73 -2.30 -10.32
CA VAL A 175 -8.63 -1.39 -10.09
C VAL A 175 -7.68 -1.91 -9.01
N ALA A 176 -7.38 -3.21 -9.03
CA ALA A 176 -6.56 -3.82 -7.97
C ALA A 176 -5.19 -3.12 -7.77
N ALA A 177 -4.46 -2.89 -8.85
CA ALA A 177 -3.13 -2.26 -8.71
C ALA A 177 -3.26 -0.85 -8.16
N TYR A 178 -4.28 -0.13 -8.63
CA TYR A 178 -4.50 1.25 -8.17
C TYR A 178 -4.82 1.24 -6.67
N ALA A 179 -5.74 0.38 -6.25
CA ALA A 179 -6.09 0.32 -4.82
C ALA A 179 -4.87 -0.06 -3.97
N ALA A 180 -4.10 -1.05 -4.44
CA ALA A 180 -2.87 -1.40 -3.73
C ALA A 180 -1.94 -0.18 -3.64
N SER A 181 -1.79 0.56 -4.73
CA SER A 181 -0.84 1.68 -4.73
C SER A 181 -1.35 2.81 -3.82
N LYS A 182 -2.67 2.98 -3.76
CA LYS A 182 -3.21 4.11 -2.98
C LYS A 182 -3.26 3.80 -1.48
N HIS A 183 -3.47 2.53 -1.14
CA HIS A 183 -3.25 2.13 0.26
C HIS A 183 -1.77 2.31 0.60
N ALA A 184 -0.89 1.97 -0.34
CA ALA A 184 0.55 2.01 -0.03
C ALA A 184 1.02 3.43 0.27
N VAL A 185 0.52 4.42 -0.47
CA VAL A 185 0.99 5.78 -0.22
C VAL A 185 0.49 6.30 1.12
N VAL A 186 -0.63 5.75 1.60
CA VAL A 186 -1.05 6.09 2.94
C VAL A 186 -0.07 5.48 3.96
N GLY A 187 0.36 4.24 3.73
CA GLY A 187 1.36 3.62 4.60
C GLY A 187 2.66 4.43 4.64
N LEU A 188 3.09 4.88 3.46
CA LEU A 188 4.29 5.71 3.34
C LEU A 188 4.10 7.03 4.10
N THR A 189 2.93 7.64 3.93
CA THR A 189 2.62 8.89 4.61
C THR A 189 2.79 8.69 6.11
N ARG A 190 2.20 7.61 6.62
CA ARG A 190 2.27 7.34 8.06
C ARG A 190 3.71 7.08 8.54
N ALA A 191 4.46 6.29 7.78
CA ALA A 191 5.84 5.96 8.15
C ALA A 191 6.73 7.21 8.20
N LEU A 192 6.67 8.03 7.15
CA LEU A 192 7.51 9.23 7.10
C LEU A 192 7.08 10.23 8.19
N ALA A 193 5.79 10.32 8.47
CA ALA A 193 5.31 11.22 9.52
C ALA A 193 5.86 10.74 10.85
N SER A 194 5.77 9.43 11.08
CA SER A 194 6.26 8.88 12.33
C SER A 194 7.75 9.16 12.50
N GLU A 195 8.51 9.08 11.42
CA GLU A 195 9.96 9.26 11.49
C GLU A 195 10.39 10.72 11.48
N TRP A 196 9.66 11.55 10.75
CA TRP A 196 10.13 12.88 10.42
C TRP A 196 9.42 14.03 11.11
N ALA A 197 8.26 13.77 11.73
CA ALA A 197 7.48 14.85 12.34
C ALA A 197 8.30 15.60 13.40
N GLY A 198 9.06 14.85 14.17
CA GLY A 198 9.83 15.42 15.28
C GLY A 198 10.99 16.28 14.81
N ARG A 199 11.25 16.25 13.51
N ARG A 199 11.27 16.25 13.52
CA ARG A 199 12.32 17.05 12.91
CA ARG A 199 12.32 17.09 12.95
C ARG A 199 11.77 18.16 12.02
C ARG A 199 11.75 18.13 11.99
N GLY A 200 10.48 18.45 12.16
CA GLY A 200 9.87 19.59 11.49
C GLY A 200 9.30 19.36 10.11
N VAL A 201 9.27 18.11 9.65
CA VAL A 201 8.68 17.82 8.35
C VAL A 201 7.30 17.17 8.52
N GLY A 202 6.27 17.92 8.11
CA GLY A 202 4.89 17.47 8.24
C GLY A 202 4.41 16.71 7.01
N VAL A 203 4.17 15.42 7.15
CA VAL A 203 3.82 14.57 6.02
C VAL A 203 2.37 14.13 6.16
N ASN A 204 1.56 14.48 5.18
CA ASN A 204 0.14 14.11 5.20
C ASN A 204 -0.35 13.73 3.82
N ALA A 205 -1.59 13.24 3.75
CA ALA A 205 -2.20 12.92 2.47
C ALA A 205 -3.58 13.55 2.36
N LEU A 206 -4.00 13.71 1.12
CA LEU A 206 -5.30 14.25 0.76
C LEU A 206 -5.91 13.20 -0.16
N ALA A 207 -7.08 12.67 0.23
CA ALA A 207 -7.75 11.64 -0.56
C ALA A 207 -8.98 12.18 -1.28
N PRO A 208 -8.86 12.48 -2.58
CA PRO A 208 -10.04 12.98 -3.29
C PRO A 208 -11.08 11.86 -3.43
N GLY A 209 -12.36 12.24 -3.47
CA GLY A 209 -13.42 11.30 -3.83
C GLY A 209 -13.48 11.18 -5.35
N TYR A 210 -14.68 11.28 -5.92
CA TYR A 210 -14.81 11.22 -7.37
C TYR A 210 -14.76 12.63 -7.95
N VAL A 211 -13.78 12.85 -8.83
CA VAL A 211 -13.48 14.18 -9.37
C VAL A 211 -13.62 14.18 -10.88
N VAL A 212 -14.19 15.25 -11.43
CA VAL A 212 -14.27 15.40 -12.89
C VAL A 212 -12.90 15.79 -13.48
N THR A 213 -12.19 14.81 -14.03
CA THR A 213 -10.86 15.02 -14.60
C THR A 213 -10.62 13.97 -15.67
N ALA A 214 -9.56 14.13 -16.45
CA ALA A 214 -9.26 13.16 -17.50
C ALA A 214 -9.18 11.74 -16.93
N ASN A 215 -8.70 11.63 -15.69
CA ASN A 215 -8.54 10.35 -15.02
C ASN A 215 -9.85 9.58 -14.77
N THR A 216 -10.98 10.26 -14.91
CA THR A 216 -12.27 9.58 -14.72
C THR A 216 -13.19 9.73 -15.94
N ALA A 217 -12.62 10.21 -17.05
CA ALA A 217 -13.37 10.35 -18.29
C ALA A 217 -13.95 9.01 -18.72
N ALA A 218 -13.14 7.97 -18.70
CA ALA A 218 -13.57 6.63 -19.10
C ALA A 218 -14.69 6.14 -18.19
N LEU A 219 -14.63 6.55 -16.94
CA LEU A 219 -15.63 6.16 -15.96
C LEU A 219 -16.93 6.88 -16.24
N ARG A 220 -16.83 8.18 -16.51
CA ARG A 220 -18.00 9.02 -16.75
C ARG A 220 -18.55 8.84 -18.16
N ALA A 221 -17.83 8.12 -19.02
CA ALA A 221 -18.30 7.88 -20.38
C ALA A 221 -19.68 7.24 -20.29
N ASP A 222 -19.83 6.37 -19.30
CA ASP A 222 -21.09 5.70 -19.05
C ASP A 222 -21.94 6.55 -18.10
N ASP A 223 -22.89 7.30 -18.66
CA ASP A 223 -23.75 8.18 -17.87
C ASP A 223 -24.43 7.47 -16.71
N GLU A 224 -24.79 6.20 -16.89
CA GLU A 224 -25.45 5.42 -15.83
C GLU A 224 -24.51 5.06 -14.69
N ARG A 225 -23.27 4.74 -15.01
CA ARG A 225 -22.28 4.47 -13.96
C ARG A 225 -22.05 5.77 -13.17
N ALA A 226 -21.90 6.87 -13.91
CA ALA A 226 -21.67 8.17 -13.28
C ALA A 226 -22.79 8.54 -12.30
N ALA A 227 -24.02 8.37 -12.74
CA ALA A 227 -25.18 8.76 -11.94
C ALA A 227 -25.32 7.87 -10.71
N GLU A 228 -24.96 6.60 -10.88
CA GLU A 228 -24.92 5.62 -9.80
C GLU A 228 -23.93 6.06 -8.71
N ILE A 229 -22.77 6.56 -9.14
CA ILE A 229 -21.78 7.10 -8.22
C ILE A 229 -22.35 8.34 -7.51
N THR A 230 -22.87 9.27 -8.30
CA THR A 230 -23.43 10.49 -7.73
C THR A 230 -24.50 10.20 -6.69
N ALA A 231 -25.37 9.24 -6.99
CA ALA A 231 -26.44 8.88 -6.06
C ALA A 231 -25.88 8.50 -4.69
N ARG A 232 -24.68 7.93 -4.68
CA ARG A 232 -24.08 7.45 -3.46
C ARG A 232 -23.34 8.55 -2.68
N ILE A 233 -22.83 9.56 -3.40
CA ILE A 233 -22.16 10.69 -2.74
C ILE A 233 -23.17 11.54 -1.96
N PRO A 234 -23.01 11.60 -0.63
CA PRO A 234 -23.92 12.42 0.18
C PRO A 234 -24.08 13.86 -0.32
N ALA A 235 -22.99 14.53 -0.68
CA ALA A 235 -23.09 15.91 -1.16
C ALA A 235 -23.90 16.05 -2.46
N GLY A 236 -24.09 14.95 -3.18
CA GLY A 236 -24.95 14.95 -4.36
C GLY A 236 -24.28 15.47 -5.63
N ARG A 237 -22.96 15.58 -5.61
N ARG A 237 -22.96 15.53 -5.62
CA ARG A 237 -22.20 16.01 -6.78
CA ARG A 237 -22.21 16.00 -6.77
C ARG A 237 -20.79 15.45 -6.75
C ARG A 237 -20.80 15.40 -6.76
N TRP A 238 -20.22 15.25 -7.94
CA TRP A 238 -18.82 14.89 -8.08
C TRP A 238 -18.04 16.15 -7.75
N ALA A 239 -16.77 16.01 -7.36
CA ALA A 239 -15.90 17.16 -7.14
C ALA A 239 -15.36 17.74 -8.46
N THR A 240 -14.92 18.98 -8.41
CA THR A 240 -14.08 19.53 -9.48
C THR A 240 -12.65 19.60 -8.91
N PRO A 241 -11.64 19.72 -9.78
CA PRO A 241 -10.28 19.85 -9.25
C PRO A 241 -10.19 20.98 -8.23
N GLU A 242 -10.94 22.07 -8.44
CA GLU A 242 -10.87 23.20 -7.52
C GLU A 242 -11.28 22.84 -6.09
N ASP A 243 -12.13 21.82 -5.92
CA ASP A 243 -12.52 21.36 -4.58
C ASP A 243 -11.33 20.83 -3.77
N MET A 244 -10.23 20.52 -4.44
CA MET A 244 -9.06 19.97 -3.75
C MET A 244 -8.10 21.05 -3.26
N VAL A 245 -8.27 22.27 -3.75
CA VAL A 245 -7.28 23.34 -3.53
C VAL A 245 -7.25 23.84 -2.08
N GLY A 246 -8.41 24.15 -1.52
CA GLY A 246 -8.47 24.64 -0.16
C GLY A 246 -7.80 23.66 0.80
N PRO A 247 -8.17 22.38 0.72
CA PRO A 247 -7.54 21.41 1.61
C PRO A 247 -6.03 21.29 1.35
N ALA A 248 -5.62 21.37 0.09
CA ALA A 248 -4.19 21.24 -0.23
C ALA A 248 -3.40 22.41 0.37
N VAL A 249 -3.96 23.62 0.28
CA VAL A 249 -3.29 24.77 0.87
C VAL A 249 -3.25 24.63 2.40
N PHE A 250 -4.38 24.25 3.00
CA PHE A 250 -4.41 24.04 4.44
C PHE A 250 -3.26 23.15 4.91
N LEU A 251 -3.10 21.99 4.28
CA LEU A 251 -2.11 21.00 4.71
C LEU A 251 -0.66 21.47 4.55
N ALA A 252 -0.45 22.45 3.68
CA ALA A 252 0.90 23.00 3.45
C ALA A 252 1.19 24.22 4.31
N SER A 253 0.18 24.71 5.04
CA SER A 253 0.27 26.00 5.74
C SER A 253 0.57 25.87 7.24
N ASP A 254 0.89 27.01 7.87
CA ASP A 254 1.09 27.10 9.30
C ASP A 254 -0.12 26.59 10.10
N ALA A 255 -1.32 26.73 9.53
CA ALA A 255 -2.56 26.29 10.21
C ALA A 255 -2.58 24.78 10.50
N ALA A 256 -1.80 24.01 9.76
CA ALA A 256 -1.77 22.55 9.93
C ALA A 256 -0.49 22.06 10.62
N SER A 257 0.18 22.94 11.35
CA SER A 257 1.52 22.59 11.88
C SER A 257 1.53 21.45 12.89
N TYR A 258 0.39 21.16 13.52
CA TYR A 258 0.36 19.99 14.41
C TYR A 258 -0.34 18.79 13.75
N VAL A 259 -0.58 18.88 12.44
CA VAL A 259 -1.22 17.78 11.72
C VAL A 259 -0.13 16.94 11.04
N HIS A 260 -0.04 15.68 11.44
CA HIS A 260 1.02 14.78 10.96
C HIS A 260 0.47 13.37 10.75
N GLY A 261 0.83 12.76 9.62
CA GLY A 261 0.49 11.37 9.38
C GLY A 261 -0.99 11.13 9.10
N GLN A 262 -1.71 12.19 8.72
CA GLN A 262 -3.15 12.11 8.46
C GLN A 262 -3.52 12.02 6.98
N VAL A 263 -4.65 11.37 6.70
CA VAL A 263 -5.25 11.37 5.37
C VAL A 263 -6.58 12.11 5.44
N LEU A 264 -6.61 13.31 4.87
CA LEU A 264 -7.82 14.10 4.85
C LEU A 264 -8.62 13.74 3.59
N ALA A 265 -9.77 13.08 3.75
CA ALA A 265 -10.60 12.76 2.58
C ALA A 265 -11.41 13.98 2.15
N VAL A 266 -11.38 14.30 0.87
CA VAL A 266 -12.16 15.39 0.29
C VAL A 266 -13.14 14.74 -0.70
N ASP A 267 -14.29 14.30 -0.21
CA ASP A 267 -15.03 13.28 -0.95
C ASP A 267 -16.54 13.40 -0.93
N GLY A 268 -17.04 14.56 -0.49
CA GLY A 268 -18.46 14.81 -0.51
C GLY A 268 -19.20 13.86 0.40
N GLY A 269 -18.47 13.21 1.30
CA GLY A 269 -19.10 12.28 2.24
C GLY A 269 -19.05 10.82 1.82
N TRP A 270 -18.39 10.53 0.70
CA TRP A 270 -18.35 9.15 0.20
C TRP A 270 -18.02 8.12 1.28
N LEU A 271 -16.95 8.36 2.01
CA LEU A 271 -16.46 7.36 2.97
C LEU A 271 -17.45 7.17 4.12
N ALA A 272 -18.30 8.17 4.34
CA ALA A 272 -19.32 8.08 5.38
C ALA A 272 -20.61 7.39 4.93
N SER A 273 -20.74 7.16 3.62
CA SER A 273 -21.95 6.57 3.04
C SER A 273 -21.94 5.05 3.03
N GLY B 25 -16.59 -30.64 10.56
CA GLY B 25 -17.03 -29.45 11.27
C GLY B 25 -16.97 -28.19 10.44
N PRO B 26 -17.59 -27.11 10.92
CA PRO B 26 -17.51 -25.83 10.21
C PRO B 26 -16.08 -25.25 10.24
N PHE B 27 -15.25 -25.71 11.18
CA PHE B 27 -13.87 -25.24 11.25
C PHE B 27 -12.87 -26.18 10.57
N SER B 28 -13.39 -27.22 9.92
CA SER B 28 -12.52 -28.21 9.32
C SER B 28 -11.96 -27.76 7.96
N LEU B 29 -10.75 -28.21 7.65
CA LEU B 29 -10.17 -28.02 6.32
C LEU B 29 -9.99 -29.37 5.62
N ALA B 30 -10.72 -30.37 6.09
CA ALA B 30 -10.67 -31.67 5.43
C ALA B 30 -11.04 -31.53 3.96
N GLY B 31 -10.29 -32.20 3.09
CA GLY B 31 -10.58 -32.21 1.67
C GLY B 31 -10.08 -30.99 0.91
N ARG B 32 -9.42 -30.08 1.60
CA ARG B 32 -8.84 -28.92 0.92
C ARG B 32 -7.36 -29.11 0.68
N THR B 33 -6.84 -28.35 -0.28
CA THR B 33 -5.42 -28.29 -0.56
C THR B 33 -4.99 -26.84 -0.42
N ALA B 34 -3.98 -26.61 0.41
CA ALA B 34 -3.61 -25.25 0.77
C ALA B 34 -2.15 -24.99 0.42
N VAL B 35 -1.90 -23.85 -0.21
CA VAL B 35 -0.53 -23.41 -0.42
C VAL B 35 -0.20 -22.39 0.66
N VAL B 36 0.91 -22.59 1.36
CA VAL B 36 1.37 -21.64 2.38
C VAL B 36 2.79 -21.18 2.08
N THR B 37 2.97 -19.90 1.74
CA THR B 37 4.31 -19.40 1.40
C THR B 37 5.09 -19.03 2.65
N GLY B 38 6.42 -18.97 2.53
CA GLY B 38 7.29 -18.75 3.66
C GLY B 38 7.04 -19.80 4.75
N ALA B 39 6.80 -21.04 4.32
CA ALA B 39 6.42 -22.11 5.25
C ALA B 39 7.62 -22.77 5.94
N GLY B 40 8.82 -22.28 5.65
CA GLY B 40 10.04 -22.85 6.21
C GLY B 40 10.26 -22.60 7.69
N SER B 41 9.65 -21.54 8.22
CA SER B 41 9.86 -21.20 9.64
C SER B 41 8.78 -20.26 10.11
N GLY B 42 8.81 -19.92 11.40
CA GLY B 42 7.96 -18.85 11.95
C GLY B 42 6.47 -19.07 11.77
N ILE B 43 5.77 -17.97 11.48
CA ILE B 43 4.33 -18.00 11.30
C ILE B 43 3.90 -18.96 10.19
N GLY B 44 4.63 -18.95 9.06
CA GLY B 44 4.26 -19.82 7.95
C GLY B 44 4.33 -21.30 8.31
N ARG B 45 5.39 -21.66 9.01
CA ARG B 45 5.57 -23.04 9.39
C ARG B 45 4.46 -23.49 10.35
N ALA B 46 4.09 -22.62 11.27
CA ALA B 46 3.04 -22.95 12.23
C ALA B 46 1.69 -23.08 11.51
N ILE B 47 1.45 -22.23 10.52
CA ILE B 47 0.20 -22.29 9.77
C ILE B 47 0.15 -23.57 8.92
N ALA B 48 1.28 -23.92 8.29
CA ALA B 48 1.35 -25.16 7.52
C ALA B 48 0.97 -26.36 8.39
N HIS B 49 1.61 -26.48 9.56
CA HIS B 49 1.29 -27.55 10.51
C HIS B 49 -0.17 -27.52 10.95
N GLY B 50 -0.66 -26.33 11.27
CA GLY B 50 -2.03 -26.15 11.73
C GLY B 50 -3.05 -26.57 10.68
N TYR B 51 -2.84 -26.10 9.45
CA TYR B 51 -3.69 -26.49 8.34
C TYR B 51 -3.69 -28.01 8.16
N ALA B 52 -2.52 -28.63 8.24
CA ALA B 52 -2.46 -30.09 8.05
C ALA B 52 -3.26 -30.78 9.15
N ARG B 53 -3.08 -30.34 10.38
CA ARG B 53 -3.84 -30.88 11.50
C ARG B 53 -5.34 -30.70 11.29
N ALA B 54 -5.72 -29.62 10.61
CA ALA B 54 -7.13 -29.35 10.37
C ALA B 54 -7.67 -30.19 9.22
N GLY B 55 -6.78 -30.94 8.58
CA GLY B 55 -7.20 -31.86 7.53
C GLY B 55 -6.83 -31.49 6.10
N ALA B 56 -6.19 -30.34 5.92
CA ALA B 56 -5.78 -29.90 4.58
C ALA B 56 -4.53 -30.64 4.10
N HIS B 57 -4.46 -30.88 2.80
CA HIS B 57 -3.20 -31.28 2.17
C HIS B 57 -2.42 -30.00 1.93
N VAL B 58 -1.19 -29.95 2.44
CA VAL B 58 -0.44 -28.69 2.49
C VAL B 58 0.75 -28.65 1.52
N LEU B 59 0.76 -27.63 0.67
CA LEU B 59 1.93 -27.33 -0.14
C LEU B 59 2.75 -26.28 0.58
N ALA B 60 3.82 -26.70 1.22
CA ALA B 60 4.69 -25.76 1.92
C ALA B 60 5.64 -25.12 0.91
N TRP B 61 5.45 -23.84 0.68
CA TRP B 61 6.24 -23.11 -0.31
C TRP B 61 7.32 -22.29 0.41
N GLY B 62 8.57 -22.50 0.04
CA GLY B 62 9.66 -21.80 0.67
C GLY B 62 10.75 -21.35 -0.30
N ARG B 63 11.69 -20.57 0.20
CA ARG B 63 12.77 -20.05 -0.63
C ARG B 63 13.89 -21.08 -0.75
N THR B 64 14.06 -21.92 0.27
CA THR B 64 15.12 -22.93 0.27
C THR B 64 14.58 -24.33 0.55
N ASP B 65 15.44 -25.33 0.37
CA ASP B 65 15.09 -26.74 0.57
C ASP B 65 14.72 -27.05 2.02
N GLY B 66 14.99 -26.10 2.91
CA GLY B 66 14.68 -26.26 4.31
C GLY B 66 13.19 -26.42 4.56
N VAL B 67 12.40 -26.11 3.55
CA VAL B 67 10.95 -26.28 3.66
C VAL B 67 10.58 -27.75 3.47
N LYS B 68 11.49 -28.51 2.87
CA LYS B 68 11.30 -29.95 2.76
C LYS B 68 11.25 -30.58 4.16
N GLU B 69 12.02 -30.02 5.09
CA GLU B 69 11.93 -30.40 6.50
C GLU B 69 10.50 -30.30 7.02
N VAL B 70 9.87 -29.15 6.79
CA VAL B 70 8.52 -28.92 7.28
C VAL B 70 7.56 -29.94 6.68
N ALA B 71 7.63 -30.14 5.37
CA ALA B 71 6.81 -31.13 4.71
C ALA B 71 7.01 -32.48 5.38
N ASP B 72 8.26 -32.81 5.69
CA ASP B 72 8.57 -34.06 6.37
C ASP B 72 8.00 -34.11 7.78
N GLU B 73 8.17 -33.03 8.54
CA GLU B 73 7.57 -32.92 9.87
C GLU B 73 6.09 -33.28 9.81
N ILE B 74 5.35 -32.61 8.92
CA ILE B 74 3.92 -32.85 8.76
C ILE B 74 3.61 -34.31 8.44
N ALA B 75 4.32 -34.87 7.46
CA ALA B 75 4.16 -36.27 7.10
C ALA B 75 4.38 -37.20 8.30
N ASP B 76 5.50 -37.00 9.01
CA ASP B 76 5.86 -37.87 10.14
C ASP B 76 4.86 -37.78 11.28
N GLY B 77 3.94 -36.81 11.19
CA GLY B 77 2.92 -36.64 12.21
C GLY B 77 1.56 -37.14 11.77
N GLY B 78 1.52 -37.83 10.63
CA GLY B 78 0.28 -38.39 10.10
C GLY B 78 -0.43 -37.47 9.12
N GLY B 79 0.11 -36.27 8.93
CA GLY B 79 -0.48 -35.29 8.03
C GLY B 79 -0.12 -35.49 6.57
N SER B 80 -0.69 -34.65 5.71
CA SER B 80 -0.44 -34.72 4.27
C SER B 80 0.18 -33.42 3.75
N ALA B 81 1.39 -33.50 3.21
CA ALA B 81 2.07 -32.30 2.75
C ALA B 81 3.10 -32.55 1.66
N GLU B 82 3.56 -31.46 1.04
CA GLU B 82 4.70 -31.53 0.14
C GLU B 82 5.38 -30.16 0.03
N ALA B 83 6.63 -30.16 -0.39
CA ALA B 83 7.41 -28.93 -0.46
C ALA B 83 7.41 -28.30 -1.86
N VAL B 84 7.40 -26.98 -1.90
CA VAL B 84 7.61 -26.23 -3.12
C VAL B 84 8.77 -25.28 -2.86
N VAL B 85 9.80 -25.34 -3.70
CA VAL B 85 10.95 -24.42 -3.55
C VAL B 85 10.99 -23.43 -4.71
N ALA B 86 10.73 -22.16 -4.43
CA ALA B 86 10.75 -21.12 -5.46
C ALA B 86 10.92 -19.78 -4.80
N ASP B 87 11.97 -19.06 -5.21
CA ASP B 87 12.28 -17.76 -4.62
C ASP B 87 11.30 -16.70 -5.08
N LEU B 88 10.54 -16.12 -4.14
CA LEU B 88 9.46 -15.20 -4.51
C LEU B 88 10.01 -13.85 -5.02
N ALA B 89 11.29 -13.60 -4.80
CA ALA B 89 11.94 -12.41 -5.36
C ALA B 89 11.99 -12.51 -6.87
N ASP B 90 11.87 -13.73 -7.40
CA ASP B 90 11.86 -13.95 -8.82
C ASP B 90 10.42 -14.07 -9.31
N LEU B 91 9.82 -12.93 -9.61
CA LEU B 91 8.39 -12.88 -9.93
C LEU B 91 8.03 -13.76 -11.12
N GLU B 92 8.79 -13.64 -12.20
CA GLU B 92 8.58 -14.46 -13.39
C GLU B 92 8.56 -15.95 -13.06
N GLY B 93 9.58 -16.42 -12.35
CA GLY B 93 9.63 -17.80 -11.92
C GLY B 93 8.48 -18.18 -10.99
N ALA B 94 8.18 -17.30 -10.04
CA ALA B 94 7.07 -17.54 -9.14
C ALA B 94 5.77 -17.76 -9.93
N ALA B 95 5.53 -16.90 -10.92
CA ALA B 95 4.32 -16.98 -11.72
C ALA B 95 4.24 -18.31 -12.46
N ASN B 96 5.38 -18.77 -12.99
CA ASN B 96 5.43 -20.07 -13.65
C ASN B 96 5.06 -21.21 -12.72
N VAL B 97 5.67 -21.21 -11.54
CA VAL B 97 5.40 -22.25 -10.55
C VAL B 97 3.94 -22.22 -10.09
N ALA B 98 3.44 -21.04 -9.71
CA ALA B 98 2.06 -20.93 -9.27
C ALA B 98 1.08 -21.39 -10.35
N GLU B 99 1.33 -20.97 -11.60
CA GLU B 99 0.41 -21.35 -12.68
C GLU B 99 0.44 -22.85 -12.92
N GLU B 100 1.63 -23.42 -12.90
CA GLU B 100 1.78 -24.86 -13.00
C GLU B 100 0.90 -25.54 -11.94
N LEU B 101 1.10 -25.17 -10.69
CA LEU B 101 0.34 -25.74 -9.59
C LEU B 101 -1.17 -25.50 -9.72
N ALA B 102 -1.56 -24.27 -10.02
CA ALA B 102 -2.98 -23.92 -10.11
C ALA B 102 -3.67 -24.80 -11.15
N ALA B 103 -2.93 -25.17 -12.18
CA ALA B 103 -3.46 -25.99 -13.26
C ALA B 103 -3.35 -27.48 -12.93
N THR B 104 -2.30 -27.85 -12.22
CA THR B 104 -2.00 -29.24 -11.93
C THR B 104 -2.84 -29.80 -10.79
N ARG B 105 -3.19 -28.94 -9.83
CA ARG B 105 -3.87 -29.37 -8.61
C ARG B 105 -5.13 -28.55 -8.39
N ARG B 106 -5.99 -29.02 -7.49
CA ARG B 106 -7.10 -28.19 -7.08
C ARG B 106 -6.70 -27.51 -5.77
N VAL B 107 -6.13 -26.32 -5.89
CA VAL B 107 -5.72 -25.56 -4.72
C VAL B 107 -6.90 -24.74 -4.22
N ASP B 108 -7.34 -25.03 -3.00
CA ASP B 108 -8.52 -24.40 -2.39
C ASP B 108 -8.18 -23.15 -1.57
N VAL B 109 -6.97 -23.11 -1.03
CA VAL B 109 -6.57 -22.05 -0.10
C VAL B 109 -5.16 -21.60 -0.41
N LEU B 110 -4.96 -20.29 -0.41
CA LEU B 110 -3.64 -19.70 -0.51
C LEU B 110 -3.37 -18.82 0.70
N VAL B 111 -2.23 -19.01 1.34
CA VAL B 111 -1.82 -18.12 2.43
C VAL B 111 -0.56 -17.41 1.95
N ASN B 112 -0.66 -16.09 1.76
CA ASN B 112 0.49 -15.28 1.38
C ASN B 112 1.22 -14.83 2.63
N ASN B 113 2.20 -15.62 3.05
CA ASN B 113 2.88 -15.35 4.31
C ASN B 113 4.31 -14.87 4.15
N ALA B 114 4.99 -15.36 3.11
CA ALA B 114 6.37 -14.93 2.88
C ALA B 114 6.45 -13.41 2.94
N GLY B 115 7.49 -12.91 3.60
CA GLY B 115 7.67 -11.49 3.72
C GLY B 115 9.04 -11.17 4.30
N ILE B 116 9.52 -9.97 4.02
CA ILE B 116 10.78 -9.52 4.57
C ILE B 116 10.61 -8.10 5.11
N ILE B 117 11.43 -7.78 6.11
CA ILE B 117 11.41 -6.44 6.67
C ILE B 117 12.84 -5.92 6.70
N ALA B 118 13.02 -4.66 6.32
CA ALA B 118 14.34 -4.05 6.38
C ALA B 118 14.28 -2.79 7.21
N ARG B 119 15.00 -2.79 8.34
CA ARG B 119 14.97 -1.65 9.24
C ARG B 119 16.08 -0.67 8.94
N ALA B 120 15.70 0.56 8.65
CA ALA B 120 16.64 1.64 8.38
C ALA B 120 15.86 2.95 8.27
N PRO B 121 16.44 4.05 8.77
CA PRO B 121 15.74 5.33 8.66
C PRO B 121 15.44 5.59 7.19
N ALA B 122 14.30 6.22 6.89
CA ALA B 122 13.88 6.45 5.51
C ALA B 122 14.94 7.14 4.64
N GLU B 123 15.58 8.18 5.19
CA GLU B 123 16.61 8.91 4.46
C GLU B 123 17.70 8.00 3.88
N GLU B 124 17.88 6.84 4.50
CA GLU B 124 19.01 5.95 4.14
C GLU B 124 18.62 4.82 3.21
N VAL B 125 17.33 4.75 2.87
CA VAL B 125 16.85 3.62 2.09
C VAL B 125 17.12 3.84 0.61
N SER B 126 17.88 2.94 0.00
CA SER B 126 18.16 3.03 -1.43
C SER B 126 16.96 2.52 -2.21
N LEU B 127 16.87 2.91 -3.47
CA LEU B 127 15.76 2.46 -4.29
C LEU B 127 15.77 0.95 -4.42
N GLY B 128 16.97 0.36 -4.45
CA GLY B 128 17.11 -1.08 -4.56
C GLY B 128 16.51 -1.80 -3.37
N ARG B 129 16.73 -1.26 -2.18
CA ARG B 129 16.23 -1.87 -0.94
C ARG B 129 14.72 -1.66 -0.81
N TRP B 130 14.24 -0.48 -1.20
CA TRP B 130 12.80 -0.22 -1.27
C TRP B 130 12.12 -1.25 -2.18
N ARG B 131 12.65 -1.41 -3.39
CA ARG B 131 12.05 -2.34 -4.36
C ARG B 131 12.12 -3.81 -3.90
N GLU B 132 13.22 -4.18 -3.25
CA GLU B 132 13.37 -5.53 -2.74
C GLU B 132 12.24 -5.89 -1.78
N VAL B 133 11.96 -4.99 -0.85
CA VAL B 133 10.88 -5.23 0.11
C VAL B 133 9.52 -5.31 -0.60
N LEU B 134 9.25 -4.37 -1.51
CA LEU B 134 7.96 -4.33 -2.21
C LEU B 134 7.76 -5.54 -3.11
N THR B 135 8.86 -6.05 -3.67
CA THR B 135 8.78 -7.19 -4.59
C THR B 135 8.24 -8.43 -3.90
N VAL B 136 8.78 -8.75 -2.74
CA VAL B 136 8.36 -9.95 -2.03
C VAL B 136 7.06 -9.75 -1.27
N ASN B 137 6.89 -8.58 -0.64
CA ASN B 137 5.75 -8.38 0.24
C ASN B 137 4.45 -8.10 -0.53
N LEU B 138 4.58 -7.43 -1.66
CA LEU B 138 3.40 -7.03 -2.41
C LEU B 138 3.34 -7.74 -3.75
N ASP B 139 4.35 -7.53 -4.58
CA ASP B 139 4.30 -8.06 -5.96
C ASP B 139 4.10 -9.58 -6.00
N ALA B 140 4.83 -10.30 -5.16
CA ALA B 140 4.73 -11.75 -5.16
C ALA B 140 3.36 -12.19 -4.65
N ALA B 141 2.85 -11.51 -3.63
CA ALA B 141 1.53 -11.80 -3.12
C ALA B 141 0.51 -11.59 -4.22
N TRP B 142 0.72 -10.56 -5.03
CA TRP B 142 -0.18 -10.32 -6.17
C TRP B 142 -0.08 -11.43 -7.20
N VAL B 143 1.15 -11.80 -7.57
CA VAL B 143 1.33 -12.83 -8.58
C VAL B 143 0.66 -14.13 -8.16
N LEU B 144 0.91 -14.57 -6.93
CA LEU B 144 0.28 -15.80 -6.44
C LEU B 144 -1.23 -15.71 -6.30
N SER B 145 -1.72 -14.57 -5.80
CA SER B 145 -3.16 -14.36 -5.66
C SER B 145 -3.82 -14.44 -7.02
N ARG B 146 -3.21 -13.80 -8.02
CA ARG B 146 -3.76 -13.81 -9.37
C ARG B 146 -3.76 -15.22 -9.96
N SER B 147 -2.66 -15.94 -9.80
CA SER B 147 -2.56 -17.28 -10.36
C SER B 147 -3.53 -18.26 -9.71
N PHE B 148 -3.48 -18.40 -8.40
CA PHE B 148 -4.34 -19.35 -7.71
C PHE B 148 -5.79 -18.87 -7.69
N GLY B 149 -5.98 -17.56 -7.53
CA GLY B 149 -7.31 -16.98 -7.52
C GLY B 149 -8.07 -17.20 -8.82
N THR B 150 -7.37 -17.12 -9.94
CA THR B 150 -8.01 -17.33 -11.23
C THR B 150 -8.54 -18.76 -11.36
N ALA B 151 -7.76 -19.72 -10.87
CA ALA B 151 -8.21 -21.12 -10.82
C ALA B 151 -9.36 -21.32 -9.81
N MET B 152 -9.32 -20.59 -8.71
CA MET B 152 -10.41 -20.66 -7.73
C MET B 152 -11.71 -20.15 -8.35
N LEU B 153 -11.61 -19.07 -9.13
CA LEU B 153 -12.80 -18.56 -9.79
C LEU B 153 -13.40 -19.64 -10.71
N ALA B 154 -12.54 -20.41 -11.35
CA ALA B 154 -12.98 -21.45 -12.27
C ALA B 154 -13.66 -22.61 -11.54
N HIS B 155 -13.28 -22.83 -10.28
CA HIS B 155 -13.81 -23.96 -9.52
C HIS B 155 -14.99 -23.52 -8.66
N GLY B 156 -15.28 -22.22 -8.69
CA GLY B 156 -16.42 -21.68 -7.96
C GLY B 156 -16.23 -21.49 -6.48
N SER B 157 -15.00 -21.64 -5.99
CA SER B 157 -14.74 -21.43 -4.58
C SER B 157 -13.24 -21.41 -4.27
N GLY B 158 -12.89 -20.71 -3.20
CA GLY B 158 -11.51 -20.66 -2.75
C GLY B 158 -11.39 -19.66 -1.61
N ARG B 159 -10.23 -19.65 -0.96
N ARG B 159 -10.22 -19.63 -0.97
CA ARG B 159 -9.93 -18.66 0.05
CA ARG B 159 -9.95 -18.67 0.10
C ARG B 159 -8.51 -18.19 -0.18
C ARG B 159 -8.50 -18.23 0.03
N ILE B 160 -8.27 -16.92 0.11
CA ILE B 160 -6.93 -16.36 0.08
C ILE B 160 -6.77 -15.58 1.36
N VAL B 161 -5.74 -15.89 2.13
CA VAL B 161 -5.47 -15.21 3.37
C VAL B 161 -4.08 -14.59 3.25
N THR B 162 -3.99 -13.27 3.33
CA THR B 162 -2.67 -12.64 3.28
C THR B 162 -2.23 -12.20 4.67
N ILE B 163 -0.98 -12.48 5.03
CA ILE B 163 -0.44 -12.03 6.29
C ILE B 163 -0.07 -10.55 6.18
N ALA B 164 -0.80 -9.71 6.91
CA ALA B 164 -0.57 -8.27 6.92
C ALA B 164 0.33 -7.90 8.12
N SER B 165 0.02 -6.80 8.82
CA SER B 165 0.90 -6.34 9.90
C SER B 165 0.25 -5.19 10.68
N MET B 166 0.74 -4.92 11.89
CA MET B 166 0.40 -3.69 12.60
C MET B 166 0.74 -2.52 11.67
N LEU B 167 1.77 -2.71 10.85
CA LEU B 167 2.23 -1.66 9.95
C LEU B 167 1.40 -1.62 8.68
N SER B 168 0.26 -2.32 8.70
CA SER B 168 -0.79 -2.11 7.71
C SER B 168 -1.67 -0.95 8.17
N PHE B 169 -1.51 -0.51 9.41
CA PHE B 169 -2.38 0.52 10.00
C PHE B 169 -1.62 1.70 10.57
N GLN B 170 -0.35 1.49 10.85
CA GLN B 170 0.47 2.49 11.51
C GLN B 170 1.77 2.67 10.76
N GLY B 171 2.50 3.73 11.07
CA GLY B 171 3.73 4.02 10.35
C GLY B 171 4.97 3.32 10.90
N GLY B 172 5.02 3.13 12.22
CA GLY B 172 6.16 2.49 12.86
C GLY B 172 7.41 3.36 12.80
N ARG B 173 8.57 2.71 12.94
CA ARG B 173 9.84 3.43 12.89
C ARG B 173 10.86 2.65 12.05
N ASN B 174 11.46 3.34 11.09
CA ASN B 174 12.56 2.76 10.31
C ASN B 174 12.16 1.62 9.39
N VAL B 175 10.88 1.57 9.02
CA VAL B 175 10.42 0.50 8.15
C VAL B 175 9.44 1.03 7.09
N ALA B 176 9.81 2.11 6.41
CA ALA B 176 8.90 2.76 5.47
C ALA B 176 8.45 1.84 4.33
N ALA B 177 9.39 1.14 3.70
CA ALA B 177 8.96 0.27 2.60
C ALA B 177 8.05 -0.86 3.13
N TYR B 178 8.38 -1.34 4.32
CA TYR B 178 7.59 -2.41 4.94
C TYR B 178 6.16 -1.91 5.17
N ALA B 179 6.05 -0.76 5.83
CA ALA B 179 4.74 -0.15 6.08
C ALA B 179 3.98 0.07 4.77
N ALA B 180 4.62 0.64 3.77
CA ALA B 180 3.96 0.82 2.48
C ALA B 180 3.46 -0.52 1.93
N SER B 181 4.32 -1.54 2.00
CA SER B 181 3.96 -2.82 1.41
C SER B 181 2.82 -3.48 2.19
N LYS B 182 2.80 -3.30 3.50
CA LYS B 182 1.78 -3.95 4.31
C LYS B 182 0.44 -3.22 4.23
N HIS B 183 0.47 -1.90 4.06
CA HIS B 183 -0.77 -1.19 3.70
C HIS B 183 -1.24 -1.67 2.34
N ALA B 184 -0.29 -1.82 1.41
CA ALA B 184 -0.64 -2.23 0.05
C ALA B 184 -1.38 -3.58 0.00
N VAL B 185 -0.92 -4.55 0.77
CA VAL B 185 -1.58 -5.87 0.69
C VAL B 185 -2.98 -5.80 1.27
N VAL B 186 -3.22 -4.85 2.14
CA VAL B 186 -4.58 -4.65 2.60
C VAL B 186 -5.44 -4.08 1.46
N GLY B 187 -4.90 -3.15 0.68
CA GLY B 187 -5.63 -2.67 -0.49
C GLY B 187 -5.92 -3.80 -1.47
N LEU B 188 -4.90 -4.61 -1.74
CA LEU B 188 -5.07 -5.74 -2.63
C LEU B 188 -6.18 -6.67 -2.11
N THR B 189 -6.19 -6.88 -0.81
CA THR B 189 -7.20 -7.75 -0.19
C THR B 189 -8.62 -7.23 -0.45
N ARG B 190 -8.81 -5.94 -0.20
CA ARG B 190 -10.10 -5.29 -0.40
C ARG B 190 -10.52 -5.28 -1.87
N ALA B 191 -9.59 -4.98 -2.76
CA ALA B 191 -9.89 -5.00 -4.19
C ALA B 191 -10.32 -6.38 -4.68
N LEU B 192 -9.56 -7.42 -4.32
CA LEU B 192 -9.88 -8.77 -4.78
C LEU B 192 -11.19 -9.27 -4.14
N ALA B 193 -11.42 -8.93 -2.89
CA ALA B 193 -12.67 -9.32 -2.23
C ALA B 193 -13.84 -8.64 -2.97
N SER B 194 -13.68 -7.36 -3.27
CA SER B 194 -14.71 -6.64 -3.98
C SER B 194 -15.04 -7.30 -5.32
N GLU B 195 -14.03 -7.73 -6.05
CA GLU B 195 -14.24 -8.30 -7.38
C GLU B 195 -14.66 -9.76 -7.38
N TRP B 196 -14.19 -10.51 -6.39
CA TRP B 196 -14.29 -11.98 -6.44
C TRP B 196 -15.24 -12.60 -5.42
N ALA B 197 -15.66 -11.85 -4.41
CA ALA B 197 -16.53 -12.43 -3.38
C ALA B 197 -17.78 -13.09 -4.01
N GLY B 198 -18.36 -12.43 -5.00
CA GLY B 198 -19.60 -12.91 -5.61
C GLY B 198 -19.44 -14.17 -6.45
N ARG B 199 -18.20 -14.57 -6.68
CA ARG B 199 -17.90 -15.76 -7.48
C ARG B 199 -17.23 -16.85 -6.65
N GLY B 200 -17.37 -16.73 -5.33
CA GLY B 200 -17.05 -17.82 -4.43
C GLY B 200 -15.66 -17.77 -3.83
N VAL B 201 -14.91 -16.72 -4.11
CA VAL B 201 -13.54 -16.62 -3.59
C VAL B 201 -13.46 -15.63 -2.43
N GLY B 202 -13.20 -16.15 -1.23
CA GLY B 202 -13.14 -15.33 -0.04
C GLY B 202 -11.72 -14.82 0.25
N VAL B 203 -11.53 -13.52 0.11
CA VAL B 203 -10.19 -12.94 0.26
C VAL B 203 -10.12 -12.05 1.51
N ASN B 204 -9.23 -12.40 2.43
CA ASN B 204 -9.08 -11.67 3.69
C ASN B 204 -7.62 -11.56 4.10
N ALA B 205 -7.36 -10.85 5.20
CA ALA B 205 -5.98 -10.72 5.68
C ALA B 205 -5.96 -10.96 7.18
N LEU B 206 -4.81 -11.43 7.65
CA LEU B 206 -4.58 -11.67 9.06
C LEU B 206 -3.39 -10.78 9.43
N ALA B 207 -3.59 -9.83 10.34
CA ALA B 207 -2.52 -8.92 10.77
C ALA B 207 -1.93 -9.28 12.14
N PRO B 208 -0.74 -9.92 12.15
CA PRO B 208 -0.17 -10.27 13.45
C PRO B 208 0.32 -9.03 14.17
N GLY B 209 0.32 -9.06 15.50
CA GLY B 209 0.94 -7.99 16.26
C GLY B 209 2.44 -8.26 16.34
N TYR B 210 2.98 -8.26 17.55
CA TYR B 210 4.40 -8.49 17.74
C TYR B 210 4.63 -9.96 18.09
N VAL B 211 5.32 -10.68 17.19
CA VAL B 211 5.44 -12.13 17.33
C VAL B 211 6.90 -12.52 17.49
N VAL B 212 7.17 -13.45 18.40
CA VAL B 212 8.52 -13.95 18.60
C VAL B 212 8.91 -14.85 17.41
N THR B 213 9.63 -14.29 16.44
CA THR B 213 10.12 -15.07 15.30
C THR B 213 11.41 -14.42 14.79
N ALA B 214 11.98 -14.99 13.74
CA ALA B 214 13.25 -14.47 13.21
C ALA B 214 13.12 -13.02 12.75
N ASN B 215 11.96 -12.67 12.20
CA ASN B 215 11.74 -11.32 11.67
C ASN B 215 11.75 -10.23 12.73
N THR B 216 11.66 -10.62 14.00
CA THR B 216 11.71 -9.63 15.09
C THR B 216 12.92 -9.83 16.01
N ALA B 217 13.82 -10.75 15.62
CA ALA B 217 15.04 -10.99 16.40
C ALA B 217 15.82 -9.70 16.75
N ALA B 218 16.02 -8.82 15.77
CA ALA B 218 16.78 -7.59 16.00
C ALA B 218 16.04 -6.65 16.93
N LEU B 219 14.72 -6.65 16.81
CA LEU B 219 13.86 -5.84 17.66
C LEU B 219 13.95 -6.29 19.12
N ARG B 220 13.85 -7.59 19.34
CA ARG B 220 13.83 -8.14 20.69
C ARG B 220 15.20 -8.08 21.31
N ALA B 221 16.23 -7.97 20.47
CA ALA B 221 17.60 -7.87 20.97
C ALA B 221 17.82 -6.50 21.62
N ASP B 222 16.98 -5.54 21.28
CA ASP B 222 17.09 -4.20 21.86
C ASP B 222 16.24 -4.15 23.13
N ASP B 223 16.86 -4.39 24.27
CA ASP B 223 16.14 -4.50 25.54
C ASP B 223 15.14 -3.37 25.79
N GLU B 224 15.57 -2.14 25.56
CA GLU B 224 14.74 -0.98 25.83
C GLU B 224 13.53 -0.93 24.88
N ARG B 225 13.79 -1.15 23.58
CA ARG B 225 12.72 -1.14 22.59
C ARG B 225 11.71 -2.25 22.90
N ALA B 226 12.23 -3.44 23.19
CA ALA B 226 11.37 -4.60 23.45
C ALA B 226 10.49 -4.39 24.69
N ALA B 227 11.04 -3.71 25.69
CA ALA B 227 10.28 -3.39 26.90
C ALA B 227 9.20 -2.33 26.63
N GLU B 228 9.52 -1.39 25.77
CA GLU B 228 8.56 -0.38 25.31
C GLU B 228 7.37 -1.08 24.63
N ILE B 229 7.68 -1.99 23.70
CA ILE B 229 6.65 -2.73 22.98
C ILE B 229 5.81 -3.54 23.96
N THR B 230 6.47 -4.31 24.81
CA THR B 230 5.76 -5.17 25.74
C THR B 230 4.82 -4.39 26.65
N ALA B 231 5.26 -3.22 27.10
CA ALA B 231 4.45 -2.43 28.02
C ALA B 231 3.18 -1.94 27.33
N ARG B 232 3.27 -1.76 26.02
CA ARG B 232 2.15 -1.23 25.25
C ARG B 232 1.11 -2.31 24.87
N ILE B 233 1.56 -3.54 24.65
CA ILE B 233 0.61 -4.61 24.31
C ILE B 233 -0.31 -4.87 25.51
N PRO B 234 -1.62 -4.60 25.36
CA PRO B 234 -2.56 -4.83 26.47
C PRO B 234 -2.54 -6.26 27.05
N ALA B 235 -2.46 -7.29 26.21
CA ALA B 235 -2.39 -8.67 26.73
C ALA B 235 -1.13 -8.94 27.57
N GLY B 236 -0.13 -8.08 27.48
CA GLY B 236 1.05 -8.18 28.33
C GLY B 236 2.09 -9.20 27.91
N ARG B 237 1.92 -9.79 26.74
N ARG B 237 1.93 -9.75 26.72
CA ARG B 237 2.90 -10.75 26.23
CA ARG B 237 2.88 -10.73 26.21
C ARG B 237 2.96 -10.67 24.71
C ARG B 237 2.99 -10.58 24.70
N TRP B 238 4.11 -11.01 24.14
CA TRP B 238 4.24 -11.09 22.69
C TRP B 238 3.52 -12.35 22.22
N ALA B 239 3.19 -12.41 20.94
CA ALA B 239 2.62 -13.62 20.35
C ALA B 239 3.68 -14.69 20.05
N THR B 240 3.26 -15.95 20.01
CA THR B 240 4.04 -17.02 19.39
C THR B 240 3.46 -17.27 18.01
N PRO B 241 4.22 -17.93 17.13
CA PRO B 241 3.65 -18.24 15.81
C PRO B 241 2.34 -19.01 15.95
N GLU B 242 2.25 -19.84 16.99
CA GLU B 242 1.07 -20.66 17.20
C GLU B 242 -0.19 -19.82 17.42
N ASP B 243 -0.03 -18.61 17.97
CA ASP B 243 -1.17 -17.72 18.20
C ASP B 243 -1.86 -17.33 16.87
N MET B 244 -1.18 -17.52 15.75
CA MET B 244 -1.73 -17.14 14.44
C MET B 244 -2.53 -18.25 13.79
N VAL B 245 -2.43 -19.46 14.35
CA VAL B 245 -2.98 -20.63 13.69
C VAL B 245 -4.51 -20.69 13.72
N GLY B 246 -5.08 -20.55 14.92
CA GLY B 246 -6.52 -20.54 15.06
C GLY B 246 -7.15 -19.56 14.10
N PRO B 247 -6.67 -18.31 14.11
CA PRO B 247 -7.27 -17.35 13.16
C PRO B 247 -7.05 -17.70 11.69
N ALA B 248 -5.90 -18.26 11.34
CA ALA B 248 -5.66 -18.62 9.93
C ALA B 248 -6.60 -19.75 9.50
N VAL B 249 -6.83 -20.71 10.38
CA VAL B 249 -7.77 -21.80 10.07
C VAL B 249 -9.20 -21.26 9.94
N PHE B 250 -9.60 -20.44 10.90
CA PHE B 250 -10.89 -19.79 10.84
C PHE B 250 -11.13 -19.15 9.45
N LEU B 251 -10.19 -18.32 9.01
CA LEU B 251 -10.39 -17.58 7.77
C LEU B 251 -10.44 -18.46 6.52
N ALA B 252 -9.90 -19.67 6.61
CA ALA B 252 -9.90 -20.57 5.49
C ALA B 252 -11.09 -21.54 5.52
N SER B 253 -11.87 -21.49 6.60
CA SER B 253 -12.90 -22.50 6.83
C SER B 253 -14.32 -22.04 6.52
N ASP B 254 -15.25 -22.98 6.45
CA ASP B 254 -16.66 -22.65 6.18
C ASP B 254 -17.23 -21.68 7.20
N ALA B 255 -16.63 -21.65 8.39
CA ALA B 255 -17.06 -20.77 9.48
C ALA B 255 -16.91 -19.29 9.13
N ALA B 256 -16.07 -18.99 8.14
CA ALA B 256 -15.88 -17.62 7.73
C ALA B 256 -16.47 -17.35 6.35
N SER B 257 -17.53 -18.08 5.97
CA SER B 257 -17.98 -18.02 4.59
C SER B 257 -18.60 -16.66 4.18
N TYR B 258 -19.09 -15.88 5.14
CA TYR B 258 -19.61 -14.53 4.82
C TYR B 258 -18.59 -13.42 5.19
N VAL B 259 -17.38 -13.82 5.57
CA VAL B 259 -16.31 -12.87 5.85
C VAL B 259 -15.51 -12.59 4.58
N HIS B 260 -15.51 -11.33 4.14
CA HIS B 260 -14.84 -10.93 2.90
C HIS B 260 -14.18 -9.57 3.00
N GLY B 261 -12.93 -9.47 2.56
CA GLY B 261 -12.24 -8.20 2.45
C GLY B 261 -11.87 -7.60 3.80
N GLN B 262 -11.78 -8.44 4.82
CA GLN B 262 -11.48 -7.97 6.18
C GLN B 262 -10.03 -8.22 6.56
N VAL B 263 -9.53 -7.41 7.51
CA VAL B 263 -8.24 -7.64 8.12
C VAL B 263 -8.47 -7.94 9.58
N LEU B 264 -8.20 -9.18 9.97
CA LEU B 264 -8.35 -9.59 11.35
C LEU B 264 -7.00 -9.46 12.02
N ALA B 265 -6.87 -8.51 12.95
CA ALA B 265 -5.61 -8.35 13.64
C ALA B 265 -5.55 -9.33 14.82
N VAL B 266 -4.41 -9.98 14.95
CA VAL B 266 -4.17 -10.92 16.03
C VAL B 266 -2.98 -10.36 16.78
N ASP B 267 -3.26 -9.44 17.71
CA ASP B 267 -2.23 -8.50 18.16
C ASP B 267 -2.24 -8.20 19.65
N GLY B 268 -2.95 -9.02 20.41
CA GLY B 268 -2.96 -8.85 21.87
C GLY B 268 -3.50 -7.52 22.33
N GLY B 269 -4.20 -6.82 21.43
CA GLY B 269 -4.83 -5.55 21.73
C GLY B 269 -4.03 -4.33 21.28
N TRP B 270 -2.93 -4.58 20.56
CA TRP B 270 -2.03 -3.49 20.16
C TRP B 270 -2.77 -2.31 19.52
N LEU B 271 -3.62 -2.60 18.54
CA LEU B 271 -4.30 -1.54 17.80
C LEU B 271 -5.28 -0.76 18.69
N ALA B 272 -5.70 -1.36 19.80
CA ALA B 272 -6.55 -0.64 20.76
C ALA B 272 -5.76 0.22 21.76
N SER B 273 -4.45 0.04 21.81
CA SER B 273 -3.62 0.74 22.80
C SER B 273 -3.23 2.14 22.32
PA NAP C . -5.18 13.97 -14.42
O1A NAP C . -4.87 12.95 -15.57
O2A NAP C . -5.75 15.33 -15.00
O5B NAP C . -3.89 14.16 -13.51
C5B NAP C . -2.83 13.20 -13.48
C4B NAP C . -1.47 13.71 -13.92
O4B NAP C . -0.43 12.78 -13.64
C3B NAP C . -1.42 14.02 -15.38
O3B NAP C . -1.16 15.37 -15.55
C2B NAP C . -0.34 13.23 -15.86
O2B NAP C . 0.42 13.88 -16.81
C1B NAP C . 0.49 13.00 -14.64
N9A NAP C . 1.42 11.90 -14.85
C8A NAP C . 1.09 10.62 -15.11
N7A NAP C . 2.21 9.89 -15.28
C5A NAP C . 3.25 10.73 -15.11
C6A NAP C . 4.62 10.52 -15.18
N6A NAP C . 5.10 9.19 -15.45
N1A NAP C . 5.45 11.55 -14.98
C2A NAP C . 4.96 12.78 -14.72
N3A NAP C . 3.63 13.01 -14.66
C4A NAP C . 2.76 11.99 -14.85
O3 NAP C . -6.26 13.37 -13.47
PN NAP C . -6.26 13.71 -11.91
O1N NAP C . -6.13 15.20 -11.74
O2N NAP C . -7.57 13.28 -11.33
O5D NAP C . -5.09 12.94 -11.19
C5D NAP C . -4.40 13.51 -10.10
C4D NAP C . -4.19 12.65 -8.87
O4D NAP C . -5.40 12.52 -8.19
C3D NAP C . -3.70 11.21 -9.12
O3D NAP C . -2.84 10.70 -8.12
C2D NAP C . -4.91 10.47 -9.10
O2D NAP C . -4.67 9.10 -8.92
C1D NAP C . -5.59 11.12 -7.94
N1N NAP C . -6.98 10.80 -7.68
C2N NAP C . -7.97 11.14 -8.56
C3N NAP C . -9.29 10.82 -8.26
C7N NAP C . -10.43 11.20 -9.26
O7N NAP C . -11.62 10.92 -9.02
N7N NAP C . -10.04 11.92 -10.43
C4N NAP C . -9.61 10.19 -7.08
C5N NAP C . -8.59 9.85 -6.19
C6N NAP C . -7.28 10.19 -6.52
P2B NAP C . 0.28 13.45 -18.33
O1X NAP C . 0.45 11.91 -18.47
O2X NAP C . -1.08 13.84 -18.84
O3X NAP C . 1.35 14.14 -19.17
PA NAP D . 10.13 -15.58 9.61
O1A NAP D . 11.49 -15.59 10.39
O2A NAP D . 9.34 -16.90 9.91
O5B NAP D . 10.38 -15.31 8.07
C5B NAP D . 9.31 -15.38 7.13
C4B NAP D . 9.43 -16.36 5.99
O4B NAP D . 9.41 -15.68 4.73
C3B NAP D . 10.67 -17.19 5.99
O3B NAP D . 10.31 -18.52 5.91
C2B NAP D . 11.36 -16.80 4.82
O2B NAP D . 12.06 -17.84 4.25
C1B NAP D . 10.24 -16.42 3.91
N9A NAP D . 10.68 -15.70 2.71
C8A NAP D . 11.28 -14.50 2.66
N7A NAP D . 11.54 -14.18 1.38
C5A NAP D . 11.12 -15.21 0.61
C6A NAP D . 11.12 -15.42 -0.76
N6A NAP D . 11.69 -14.43 -1.65
N1A NAP D . 10.61 -16.56 -1.24
C2A NAP D . 10.09 -17.48 -0.41
N3A NAP D . 10.07 -17.29 0.92
C4A NAP D . 10.57 -16.17 1.45
O3 NAP D . 9.28 -14.38 10.14
PN NAP D . 7.69 -14.48 10.22
O1N NAP D . 7.27 -15.88 10.55
O2N NAP D . 7.20 -13.56 11.26
O5D NAP D . 7.10 -14.07 8.83
C5D NAP D . 5.76 -14.31 8.53
C4D NAP D . 4.95 -13.14 7.99
O4D NAP D . 4.31 -12.48 9.03
C3D NAP D . 5.76 -12.11 7.23
O3D NAP D . 5.16 -11.67 6.05
C2D NAP D . 5.84 -11.01 8.12
O2D NAP D . 5.99 -9.81 7.44
C1D NAP D . 4.54 -11.08 8.83
N1N NAP D . 4.46 -10.33 10.06
C2N NAP D . 5.20 -10.69 11.12
C3N NAP D . 5.12 -9.96 12.30
C7N NAP D . 5.98 -10.37 13.53
O7N NAP D . 5.90 -9.73 14.59
N7N NAP D . 6.86 -11.51 13.44
C4N NAP D . 4.28 -8.86 12.38
C5N NAP D . 3.52 -8.51 11.27
C6N NAP D . 3.64 -9.27 10.12
P2B NAP D . 13.63 -17.73 4.16
O1X NAP D . 14.01 -16.62 3.16
O2X NAP D . 14.18 -17.42 5.52
O3X NAP D . 14.20 -19.06 3.66
#